data_5QIZ
#
_entry.id   5QIZ
#
_cell.length_a   47.210
_cell.length_b   58.410
_cell.length_c   49.580
_cell.angle_alpha   90.000
_cell.angle_beta   115.850
_cell.angle_gamma   90.000
#
_symmetry.space_group_name_H-M   'P 1 21 1'
#
loop_
_entity.id
_entity.type
_entity.pdbx_description
1 polymer 'Ubiquitin thioesterase OTUB2'
2 non-polymer N-[(5-chlorothiophen-2-yl)methyl]acetamide
3 non-polymer 'UNKNOWN LIGAND'
4 water water
#
_entity_poly.entity_id   1
_entity_poly.type   'polypeptide(L)'
_entity_poly.pdbx_seq_one_letter_code
;FNLISEKCDILSILRDHPENRIYRRKIEELSKRFTAIRKTKGDRNCFYRALGYSYLESLLGKSREIFKFKERVLQTPNDL
LAAGFEEHKFRNFFNAFYSVVELVEKDGSVSSLLKVFNDQSASDHIVQFLRLLTSAFIRNRADFFRHFIDEEMDIKDFCT
HEVEPMATECDHIQITALSQALSIALQVEYVDEMDTALNHHVFPEAATPSVYLLYKTSHYNILYA
;
_entity_poly.pdbx_strand_id   A
#
# COMPACT_ATOMS: atom_id res chain seq x y z
N PHE A 1 -13.68 -9.85 8.74
CA PHE A 1 -12.62 -8.78 8.79
C PHE A 1 -11.28 -9.43 9.17
N ASN A 2 -10.86 -10.66 8.41
CA ASN A 2 -9.61 -11.28 8.82
C ASN A 2 -8.40 -10.69 8.06
N LEU A 3 -8.61 -9.86 7.02
CA LEU A 3 -7.44 -9.30 6.27
C LEU A 3 -7.21 -7.82 6.61
N ILE A 4 -8.30 -7.02 6.69
CA ILE A 4 -8.31 -5.62 7.13
C ILE A 4 -9.46 -5.42 8.13
N SER A 5 -9.12 -4.91 9.32
CA SER A 5 -10.03 -4.78 10.43
C SER A 5 -10.95 -3.57 10.27
N GLU A 6 -12.04 -3.59 11.06
CA GLU A 6 -12.83 -2.43 11.43
C GLU A 6 -11.93 -1.37 12.11
N LYS A 7 -12.38 -0.11 12.06
CA LYS A 7 -11.66 1.00 12.70
C LYS A 7 -11.72 0.87 14.23
N CYS A 8 -10.57 1.05 14.88
CA CYS A 8 -10.45 1.07 16.35
C CYS A 8 -9.76 2.37 16.82
N ASP A 9 -9.99 2.75 18.08
CA ASP A 9 -9.29 3.84 18.75
C ASP A 9 -7.81 3.54 18.73
N ILE A 10 -6.95 4.55 18.49
CA ILE A 10 -5.47 4.36 18.40
C ILE A 10 -4.90 3.67 19.66
N LEU A 11 -5.42 3.98 20.84
CA LEU A 11 -4.83 3.46 22.10
C LEU A 11 -5.14 1.97 22.30
N SER A 12 -6.06 1.40 21.50
CA SER A 12 -6.38 -0.04 21.55
C SER A 12 -5.17 -0.95 21.23
N ILE A 13 -4.14 -0.42 20.54
CA ILE A 13 -2.99 -1.26 20.22
C ILE A 13 -1.98 -1.32 21.39
N LEU A 14 -2.18 -0.57 22.48
CA LEU A 14 -1.35 -0.79 23.70
C LEU A 14 -1.39 -2.27 24.14
N ARG A 15 -2.54 -2.94 23.97
CA ARG A 15 -2.69 -4.39 24.38
C ARG A 15 -1.79 -5.31 23.57
N ASP A 16 -1.24 -4.84 22.44
CA ASP A 16 -0.36 -5.68 21.61
C ASP A 16 1.07 -5.64 22.16
N HIS A 17 1.39 -4.68 23.05
CA HIS A 17 2.74 -4.48 23.62
C HIS A 17 2.64 -4.24 25.13
N PRO A 18 2.02 -5.17 25.88
CA PRO A 18 1.69 -4.89 27.28
C PRO A 18 2.97 -4.65 28.10
N GLU A 19 2.89 -3.71 29.04
CA GLU A 19 3.99 -3.41 30.00
C GLU A 19 5.30 -3.12 29.27
N ASN A 20 5.20 -2.53 28.07
CA ASN A 20 6.37 -2.18 27.31
C ASN A 20 6.54 -0.66 27.34
N ARG A 21 7.62 -0.18 27.99
CA ARG A 21 7.89 1.24 28.18
C ARG A 21 7.94 2.01 26.86
N ILE A 22 8.79 1.55 25.94
CA ILE A 22 9.08 2.34 24.69
C ILE A 22 7.88 2.28 23.74
N TYR A 23 7.27 1.11 23.56
CA TYR A 23 6.08 1.04 22.71
C TYR A 23 4.96 1.88 23.32
N ARG A 24 4.77 1.79 24.66
CA ARG A 24 3.72 2.61 25.28
C ARG A 24 3.98 4.10 25.01
N ARG A 25 5.22 4.56 25.19
CA ARG A 25 5.53 6.01 24.99
C ARG A 25 5.20 6.43 23.55
N LYS A 26 5.63 5.63 22.57
CA LYS A 26 5.49 6.02 21.17
C LYS A 26 4.01 5.97 20.73
N ILE A 27 3.28 4.97 21.21
CA ILE A 27 1.84 4.85 20.85
C ILE A 27 1.05 6.01 21.48
N GLU A 28 1.36 6.40 22.72
CA GLU A 28 0.74 7.59 23.34
C GLU A 28 1.00 8.83 22.48
N GLU A 29 2.25 9.01 22.04
CA GLU A 29 2.61 10.19 21.20
C GLU A 29 1.80 10.14 19.89
N LEU A 30 1.72 8.95 19.31
CA LEU A 30 1.01 8.78 18.02
C LEU A 30 -0.44 9.17 18.18
N SER A 31 -1.01 8.83 19.35
CA SER A 31 -2.44 9.09 19.62
C SER A 31 -2.74 10.60 19.70
N LYS A 32 -1.68 11.42 19.85
CA LYS A 32 -1.83 12.89 19.87
C LYS A 32 -2.03 13.45 18.47
N ARG A 33 -1.69 12.69 17.40
CA ARG A 33 -1.68 13.18 16.02
C ARG A 33 -2.71 12.41 15.16
N PHE A 34 -3.09 11.19 15.57
CA PHE A 34 -4.02 10.31 14.85
C PHE A 34 -5.16 9.84 15.78
N THR A 35 -6.36 9.63 15.24
CA THR A 35 -7.55 9.28 16.06
C THR A 35 -7.89 7.77 15.99
N ALA A 36 -7.56 7.10 14.87
CA ALA A 36 -8.07 5.75 14.65
C ALA A 36 -7.09 4.95 13.80
N ILE A 37 -7.26 3.61 13.83
CA ILE A 37 -6.37 2.65 13.16
C ILE A 37 -7.17 1.45 12.64
N ARG A 38 -6.74 0.89 11.49
CA ARG A 38 -7.14 -0.46 11.03
C ARG A 38 -5.88 -1.34 11.00
N LYS A 39 -5.99 -2.53 11.58
CA LYS A 39 -4.94 -3.56 11.56
C LYS A 39 -5.09 -4.41 10.29
N THR A 40 -3.96 -4.92 9.78
CA THR A 40 -3.93 -5.79 8.58
C THR A 40 -3.27 -7.12 8.95
N LYS A 41 -3.64 -8.20 8.25
CA LYS A 41 -3.02 -9.52 8.48
C LYS A 41 -1.57 -9.53 8.04
N GLY A 42 -0.66 -10.06 8.89
CA GLY A 42 0.80 -10.13 8.60
C GLY A 42 1.20 -11.35 7.77
N ASP A 43 0.77 -11.42 6.51
CA ASP A 43 0.94 -12.63 5.66
C ASP A 43 2.02 -12.43 4.57
N ARG A 44 2.75 -11.30 4.61
CA ARG A 44 3.78 -10.93 3.63
C ARG A 44 3.28 -10.01 2.51
N ASN A 45 1.95 -9.83 2.45
CA ASN A 45 1.26 -8.97 1.43
C ASN A 45 0.73 -7.66 2.02
N CYS A 46 0.97 -7.38 3.31
CA CYS A 46 0.22 -6.33 4.02
C CYS A 46 0.55 -4.91 3.52
N PHE A 47 1.74 -4.65 2.97
CA PHE A 47 2.01 -3.30 2.37
C PHE A 47 1.04 -3.05 1.19
N TYR A 48 0.99 -3.99 0.23
CA TYR A 48 0.16 -3.82 -0.95
C TYR A 48 -1.33 -3.74 -0.58
N ARG A 49 -1.76 -4.63 0.30
CA ARG A 49 -3.17 -4.71 0.73
C ARG A 49 -3.57 -3.42 1.47
N ALA A 50 -2.70 -2.89 2.35
CA ALA A 50 -2.98 -1.67 3.13
C ALA A 50 -3.02 -0.43 2.22
N LEU A 51 -2.03 -0.30 1.32
CA LEU A 51 -1.98 0.89 0.41
C LEU A 51 -3.17 0.86 -0.56
N GLY A 52 -3.45 -0.30 -1.17
CA GLY A 52 -4.58 -0.43 -2.06
C GLY A 52 -5.90 -0.05 -1.40
N TYR A 53 -6.18 -0.60 -0.20
CA TYR A 53 -7.44 -0.26 0.50
C TYR A 53 -7.50 1.23 0.92
N SER A 54 -6.42 1.75 1.52
N SER A 54 -6.45 1.76 1.54
CA SER A 54 -6.44 3.10 2.11
CA SER A 54 -6.51 3.13 2.11
C SER A 54 -6.59 4.15 1.00
C SER A 54 -6.62 4.16 0.99
N TYR A 55 -5.92 3.92 -0.13
CA TYR A 55 -5.98 4.90 -1.25
C TYR A 55 -7.37 4.90 -1.90
N LEU A 56 -7.91 3.71 -2.21
CA LEU A 56 -9.27 3.67 -2.77
C LEU A 56 -10.30 4.27 -1.78
N GLU A 57 -10.17 3.98 -0.47
CA GLU A 57 -11.06 4.58 0.58
C GLU A 57 -11.02 6.12 0.49
N SER A 58 -9.83 6.69 0.30
CA SER A 58 -9.65 8.17 0.25
C SER A 58 -10.33 8.79 -1.00
N LEU A 59 -10.63 7.97 -2.02
CA LEU A 59 -11.32 8.45 -3.26
C LEU A 59 -12.86 8.52 -3.10
N LEU A 60 -13.44 7.78 -2.16
CA LEU A 60 -14.92 7.65 -2.08
C LEU A 60 -15.60 9.05 -2.09
N GLY A 61 -16.61 9.20 -2.96
CA GLY A 61 -17.39 10.48 -3.11
C GLY A 61 -16.69 11.61 -3.87
N LYS A 62 -15.48 11.43 -4.39
CA LYS A 62 -14.66 12.49 -5.03
C LYS A 62 -14.67 12.30 -6.54
N SER A 63 -15.66 12.88 -7.21
CA SER A 63 -15.95 12.59 -8.62
C SER A 63 -14.78 12.99 -9.56
N ARG A 64 -14.04 14.09 -9.31
CA ARG A 64 -12.90 14.46 -10.22
C ARG A 64 -11.74 13.49 -10.03
N GLU A 65 -11.41 13.22 -8.77
CA GLU A 65 -10.24 12.37 -8.43
C GLU A 65 -10.49 10.93 -8.91
N ILE A 66 -11.73 10.46 -8.84
CA ILE A 66 -12.09 9.13 -9.36
C ILE A 66 -11.89 9.09 -10.88
N PHE A 67 -12.42 10.10 -11.60
CA PHE A 67 -12.22 10.15 -13.06
C PHE A 67 -10.73 10.12 -13.43
N LYS A 68 -9.89 10.94 -12.79
CA LYS A 68 -8.47 11.00 -13.10
C LYS A 68 -7.79 9.65 -12.81
N PHE A 69 -8.19 9.00 -11.69
CA PHE A 69 -7.54 7.74 -11.30
C PHE A 69 -7.91 6.65 -12.29
N LYS A 70 -9.20 6.54 -12.64
CA LYS A 70 -9.63 5.62 -13.66
C LYS A 70 -8.84 5.83 -14.97
N GLU A 71 -8.64 7.09 -15.40
CA GLU A 71 -7.87 7.37 -16.66
C GLU A 71 -6.46 6.77 -16.55
N ARG A 72 -5.82 6.91 -15.40
CA ARG A 72 -4.46 6.34 -15.20
C ARG A 72 -4.52 4.80 -15.20
N VAL A 73 -5.49 4.21 -14.49
CA VAL A 73 -5.56 2.76 -14.40
C VAL A 73 -5.77 2.15 -15.81
N LEU A 74 -6.58 2.83 -16.66
CA LEU A 74 -6.82 2.33 -18.05
C LEU A 74 -5.52 2.25 -18.86
N GLN A 75 -4.50 3.03 -18.51
CA GLN A 75 -3.21 3.00 -19.25
C GLN A 75 -2.24 1.94 -18.72
N THR A 76 -2.48 1.38 -17.52
CA THR A 76 -1.47 0.49 -16.86
C THR A 76 -1.17 -0.76 -17.68
N PRO A 77 -2.09 -1.38 -18.47
CA PRO A 77 -1.71 -2.51 -19.32
C PRO A 77 -0.54 -2.15 -20.25
N ASN A 78 -0.42 -0.88 -20.66
CA ASN A 78 0.72 -0.48 -21.53
C ASN A 78 2.06 -0.56 -20.76
N ASP A 79 2.05 -0.15 -19.48
CA ASP A 79 3.23 -0.27 -18.62
C ASP A 79 3.66 -1.74 -18.53
N LEU A 80 2.69 -2.65 -18.30
CA LEU A 80 2.98 -4.10 -18.11
C LEU A 80 3.56 -4.68 -19.43
N LEU A 81 2.92 -4.35 -20.55
CA LEU A 81 3.37 -4.85 -21.91
C LEU A 81 4.80 -4.34 -22.19
N ALA A 82 5.08 -3.07 -21.89
CA ALA A 82 6.43 -2.49 -22.15
C ALA A 82 7.55 -3.18 -21.36
N ALA A 83 7.22 -3.81 -20.21
CA ALA A 83 8.17 -4.44 -19.32
C ALA A 83 8.29 -5.92 -19.63
N GLY A 84 7.48 -6.41 -20.58
CA GLY A 84 7.52 -7.80 -21.11
C GLY A 84 6.50 -8.76 -20.49
N PHE A 85 5.53 -8.24 -19.72
CA PHE A 85 4.40 -9.08 -19.27
C PHE A 85 3.42 -9.27 -20.43
N GLU A 86 2.81 -10.45 -20.45
CA GLU A 86 1.91 -10.86 -21.54
C GLU A 86 0.46 -10.65 -21.12
N GLU A 87 -0.37 -10.11 -22.01
CA GLU A 87 -1.76 -9.73 -21.70
C GLU A 87 -2.56 -10.92 -21.17
N HIS A 88 -2.41 -12.11 -21.79
CA HIS A 88 -3.21 -13.23 -21.36
C HIS A 88 -2.80 -13.70 -19.95
N LYS A 89 -1.59 -13.36 -19.50
CA LYS A 89 -1.18 -13.70 -18.15
C LYS A 89 -1.48 -12.60 -17.11
N PHE A 90 -1.74 -11.34 -17.49
CA PHE A 90 -2.08 -10.31 -16.47
C PHE A 90 -3.57 -9.95 -16.47
N ARG A 91 -4.31 -10.37 -17.51
CA ARG A 91 -5.75 -10.04 -17.74
C ARG A 91 -6.57 -10.21 -16.45
N ASN A 92 -6.47 -11.36 -15.80
CA ASN A 92 -7.35 -11.66 -14.64
C ASN A 92 -7.11 -10.67 -13.46
N PHE A 93 -5.85 -10.21 -13.29
CA PHE A 93 -5.42 -9.31 -12.21
C PHE A 93 -5.82 -7.85 -12.53
N PHE A 94 -5.55 -7.42 -13.76
CA PHE A 94 -6.01 -6.11 -14.22
C PHE A 94 -7.54 -6.03 -14.08
N ASN A 95 -8.26 -7.03 -14.56
CA ASN A 95 -9.75 -6.97 -14.49
C ASN A 95 -10.24 -6.84 -13.04
N ALA A 96 -9.63 -7.55 -12.10
CA ALA A 96 -10.01 -7.43 -10.69
C ALA A 96 -9.74 -6.02 -10.14
N PHE A 97 -8.63 -5.37 -10.52
CA PHE A 97 -8.31 -4.03 -10.01
C PHE A 97 -9.31 -3.02 -10.61
N TYR A 98 -9.55 -3.11 -11.92
CA TYR A 98 -10.48 -2.20 -12.60
C TYR A 98 -11.86 -2.31 -11.96
N SER A 99 -12.30 -3.54 -11.66
CA SER A 99 -13.58 -3.80 -11.04
C SER A 99 -13.73 -3.08 -9.69
N VAL A 100 -12.69 -3.08 -8.83
CA VAL A 100 -12.82 -2.48 -7.52
C VAL A 100 -12.79 -0.95 -7.65
N VAL A 101 -12.08 -0.41 -8.67
CA VAL A 101 -12.17 1.02 -8.96
C VAL A 101 -13.59 1.41 -9.39
N GLU A 102 -14.23 0.62 -10.27
CA GLU A 102 -15.65 0.90 -10.63
C GLU A 102 -16.58 0.81 -9.38
N LEU A 103 -16.28 -0.11 -8.45
CA LEU A 103 -17.07 -0.21 -7.21
C LEU A 103 -16.97 1.08 -6.38
N VAL A 104 -15.77 1.67 -6.32
CA VAL A 104 -15.59 2.94 -5.62
C VAL A 104 -16.49 4.02 -6.24
N GLU A 105 -16.51 4.04 -7.58
CA GLU A 105 -17.33 5.00 -8.35
C GLU A 105 -18.85 4.72 -8.15
N LYS A 106 -19.30 3.47 -8.36
CA LYS A 106 -20.71 3.15 -8.50
C LYS A 106 -21.38 2.98 -7.13
N ASP A 107 -20.73 2.24 -6.24
CA ASP A 107 -21.26 1.93 -4.96
C ASP A 107 -20.94 3.05 -3.95
N GLY A 108 -19.67 3.42 -3.81
CA GLY A 108 -19.26 4.55 -2.98
C GLY A 108 -19.30 4.34 -1.47
N SER A 109 -19.48 3.12 -0.96
CA SER A 109 -19.53 2.92 0.49
C SER A 109 -18.20 2.32 0.99
N VAL A 110 -17.86 2.66 2.22
CA VAL A 110 -16.77 1.99 2.96
C VAL A 110 -17.11 0.49 3.12
N SER A 111 -18.35 0.16 3.47
N SER A 111 -18.36 0.17 3.47
CA SER A 111 -18.70 -1.24 3.76
CA SER A 111 -18.76 -1.22 3.75
C SER A 111 -18.42 -2.15 2.55
C SER A 111 -18.49 -2.15 2.57
N SER A 112 -18.84 -1.71 1.36
CA SER A 112 -18.67 -2.51 0.13
C SER A 112 -17.18 -2.70 -0.21
N LEU A 113 -16.39 -1.64 -0.03
CA LEU A 113 -14.96 -1.66 -0.35
C LEU A 113 -14.24 -2.61 0.64
N LEU A 114 -14.57 -2.48 1.93
CA LEU A 114 -13.97 -3.35 2.95
C LEU A 114 -14.33 -4.82 2.71
N LYS A 115 -15.56 -5.12 2.24
CA LYS A 115 -15.91 -6.53 1.92
C LYS A 115 -15.03 -7.09 0.80
N VAL A 116 -14.74 -6.32 -0.25
CA VAL A 116 -13.87 -6.80 -1.37
C VAL A 116 -12.46 -7.10 -0.81
N PHE A 117 -11.93 -6.21 0.03
CA PHE A 117 -10.55 -6.37 0.52
C PHE A 117 -10.46 -7.49 1.58
N ASN A 118 -11.59 -7.96 2.14
CA ASN A 118 -11.61 -9.11 3.06
C ASN A 118 -12.05 -10.41 2.38
N ASP A 119 -12.38 -10.36 1.09
CA ASP A 119 -12.68 -11.55 0.24
C ASP A 119 -11.32 -12.09 -0.23
N GLN A 120 -10.91 -13.27 0.24
CA GLN A 120 -9.55 -13.75 -0.01
C GLN A 120 -9.21 -13.73 -1.51
N SER A 121 -10.16 -14.18 -2.34
CA SER A 121 -9.94 -14.26 -3.81
C SER A 121 -9.83 -12.86 -4.44
N ALA A 122 -10.80 -11.97 -4.21
CA ALA A 122 -10.74 -10.63 -4.84
C ALA A 122 -9.48 -9.87 -4.34
N SER A 123 -9.25 -9.91 -3.02
CA SER A 123 -8.18 -9.16 -2.35
C SER A 123 -6.82 -9.63 -2.89
N ASP A 124 -6.62 -10.95 -3.02
CA ASP A 124 -5.34 -11.50 -3.50
C ASP A 124 -5.14 -11.20 -5.00
N HIS A 125 -6.22 -11.17 -5.81
CA HIS A 125 -6.09 -10.74 -7.23
C HIS A 125 -5.62 -9.26 -7.32
N ILE A 126 -6.17 -8.39 -6.46
CA ILE A 126 -5.80 -6.98 -6.36
C ILE A 126 -4.31 -6.87 -5.99
N VAL A 127 -3.90 -7.59 -4.94
CA VAL A 127 -2.50 -7.53 -4.50
C VAL A 127 -1.58 -7.99 -5.65
N GLN A 128 -1.91 -9.10 -6.32
CA GLN A 128 -1.02 -9.59 -7.39
C GLN A 128 -0.92 -8.56 -8.51
N PHE A 129 -2.03 -7.89 -8.84
CA PHE A 129 -1.99 -6.77 -9.84
C PHE A 129 -0.99 -5.70 -9.41
N LEU A 130 -1.10 -5.23 -8.15
CA LEU A 130 -0.23 -4.16 -7.65
C LEU A 130 1.23 -4.61 -7.68
N ARG A 131 1.49 -5.89 -7.39
CA ARG A 131 2.86 -6.41 -7.45
C ARG A 131 3.40 -6.36 -8.90
N LEU A 132 2.60 -6.81 -9.86
CA LEU A 132 3.07 -6.78 -11.30
C LEU A 132 3.31 -5.34 -11.75
N LEU A 133 2.43 -4.41 -11.35
CA LEU A 133 2.63 -2.98 -11.73
C LEU A 133 3.92 -2.41 -11.12
N THR A 134 4.19 -2.72 -9.84
CA THR A 134 5.40 -2.30 -9.15
C THR A 134 6.64 -2.80 -9.93
N SER A 135 6.66 -4.12 -10.23
CA SER A 135 7.72 -4.74 -11.05
C SER A 135 7.88 -4.05 -12.43
N ALA A 136 6.78 -3.83 -13.16
CA ALA A 136 6.84 -3.14 -14.48
C ALA A 136 7.48 -1.76 -14.35
N PHE A 137 7.09 -1.02 -13.33
CA PHE A 137 7.48 0.38 -13.16
C PHE A 137 8.99 0.47 -12.91
N ILE A 138 9.51 -0.43 -12.06
CA ILE A 138 10.95 -0.54 -11.78
C ILE A 138 11.73 -0.97 -13.04
N ARG A 139 11.23 -2.02 -13.71
CA ARG A 139 11.94 -2.58 -14.90
C ARG A 139 12.05 -1.54 -16.02
N ASN A 140 11.00 -0.73 -16.25
CA ASN A 140 10.93 0.25 -17.33
C ASN A 140 11.80 1.47 -16.98
N ARG A 141 12.18 1.63 -15.72
CA ARG A 141 13.02 2.73 -15.21
C ARG A 141 14.25 2.19 -14.47
N ALA A 142 14.88 1.15 -15.02
CA ALA A 142 16.00 0.49 -14.32
C ALA A 142 17.15 1.48 -14.01
N ASP A 143 17.47 2.37 -14.96
CA ASP A 143 18.64 3.31 -14.78
C ASP A 143 18.36 4.26 -13.61
N PHE A 144 17.10 4.70 -13.48
CA PHE A 144 16.67 5.59 -12.38
C PHE A 144 16.86 4.91 -11.03
N PHE A 145 16.41 3.65 -10.91
CA PHE A 145 16.52 2.97 -9.63
C PHE A 145 18.03 2.70 -9.34
N ARG A 146 18.82 2.33 -10.36
CA ARG A 146 20.28 2.12 -10.15
C ARG A 146 20.95 3.44 -9.74
N HIS A 147 20.53 4.56 -10.36
CA HIS A 147 21.21 5.85 -10.12
C HIS A 147 20.95 6.35 -8.70
N PHE A 148 19.68 6.32 -8.27
CA PHE A 148 19.25 6.98 -7.02
C PHE A 148 19.18 5.98 -5.85
N ILE A 149 19.02 4.66 -6.10
CA ILE A 149 18.83 3.66 -4.99
C ILE A 149 20.14 2.89 -4.76
N ASP A 150 20.68 2.24 -5.80
CA ASP A 150 21.83 1.35 -5.57
C ASP A 150 22.43 0.94 -6.92
N GLU A 151 23.64 1.46 -7.19
CA GLU A 151 24.28 1.31 -8.50
C GLU A 151 24.68 -0.15 -8.73
N GLU A 152 24.80 -0.95 -7.65
CA GLU A 152 25.32 -2.30 -7.73
C GLU A 152 24.21 -3.35 -7.90
N MET A 153 22.94 -2.96 -7.76
CA MET A 153 21.84 -3.95 -7.66
C MET A 153 21.50 -4.50 -9.06
N ASP A 154 21.10 -5.77 -9.06
CA ASP A 154 20.60 -6.47 -10.22
C ASP A 154 19.06 -6.34 -10.35
N ILE A 155 18.59 -5.42 -11.22
CA ILE A 155 17.16 -5.01 -11.23
C ILE A 155 16.21 -6.16 -11.61
N LYS A 156 16.55 -6.91 -12.64
CA LYS A 156 15.67 -7.98 -13.12
C LYS A 156 15.51 -9.09 -12.07
N ASP A 157 16.61 -9.48 -11.44
CA ASP A 157 16.61 -10.53 -10.43
C ASP A 157 15.83 -10.06 -9.19
N PHE A 158 16.02 -8.79 -8.81
CA PHE A 158 15.33 -8.21 -7.67
C PHE A 158 13.82 -8.27 -7.91
N CYS A 159 13.38 -7.89 -9.11
CA CYS A 159 11.91 -7.87 -9.43
C CYS A 159 11.34 -9.30 -9.44
N THR A 160 12.06 -10.24 -10.04
CA THR A 160 11.67 -11.65 -10.11
C THR A 160 11.51 -12.26 -8.71
N HIS A 161 12.38 -11.90 -7.78
CA HIS A 161 12.47 -12.60 -6.48
C HIS A 161 11.75 -11.86 -5.34
N GLU A 162 11.75 -10.50 -5.36
CA GLU A 162 11.36 -9.72 -4.20
C GLU A 162 10.15 -8.80 -4.49
N VAL A 163 9.59 -8.82 -5.69
CA VAL A 163 8.42 -7.97 -6.00
C VAL A 163 7.24 -8.82 -6.49
N GLU A 164 7.46 -9.58 -7.58
CA GLU A 164 6.40 -10.37 -8.28
C GLU A 164 5.73 -11.43 -7.39
N PRO A 165 6.49 -12.27 -6.65
CA PRO A 165 5.87 -13.39 -5.92
C PRO A 165 5.00 -12.93 -4.75
N MET A 166 3.83 -13.56 -4.59
CA MET A 166 2.99 -13.31 -3.40
C MET A 166 3.81 -13.58 -2.13
N ALA A 167 3.50 -12.81 -1.07
CA ALA A 167 4.06 -12.92 0.26
C ALA A 167 5.51 -12.43 0.37
N THR A 168 6.09 -11.79 -0.66
CA THR A 168 7.45 -11.18 -0.51
C THR A 168 7.32 -9.80 0.13
N GLU A 169 8.13 -9.54 1.16
CA GLU A 169 8.12 -8.25 1.92
C GLU A 169 8.83 -7.13 1.13
N CYS A 170 8.49 -5.88 1.49
N CYS A 170 8.51 -5.87 1.44
CA CYS A 170 8.89 -4.65 0.79
CA CYS A 170 9.03 -4.77 0.65
C CYS A 170 10.07 -3.99 1.52
C CYS A 170 9.98 -3.91 1.49
N ASP A 171 10.79 -3.14 0.78
CA ASP A 171 11.73 -2.18 1.29
C ASP A 171 11.35 -0.82 0.68
N HIS A 172 12.22 0.18 0.82
CA HIS A 172 12.03 1.54 0.28
C HIS A 172 11.74 1.50 -1.24
N ILE A 173 12.41 0.62 -1.99
CA ILE A 173 12.28 0.67 -3.44
C ILE A 173 10.84 0.33 -3.89
N GLN A 174 10.22 -0.70 -3.31
CA GLN A 174 8.86 -1.08 -3.74
C GLN A 174 7.87 0.01 -3.35
N ILE A 175 8.07 0.63 -2.16
CA ILE A 175 7.13 1.67 -1.72
C ILE A 175 7.22 2.88 -2.67
N THR A 176 8.46 3.32 -2.97
CA THR A 176 8.67 4.45 -3.92
C THR A 176 8.07 4.17 -5.29
N ALA A 177 8.34 2.99 -5.82
CA ALA A 177 7.88 2.60 -7.16
C ALA A 177 6.35 2.57 -7.25
N LEU A 178 5.66 1.96 -6.26
CA LEU A 178 4.18 1.86 -6.39
C LEU A 178 3.52 3.24 -6.21
N SER A 179 4.04 4.04 -5.26
CA SER A 179 3.63 5.47 -5.09
C SER A 179 3.72 6.22 -6.44
N GLN A 180 4.87 6.09 -7.13
CA GLN A 180 5.08 6.81 -8.41
C GLN A 180 4.18 6.22 -9.51
N ALA A 181 4.00 4.89 -9.50
CA ALA A 181 3.25 4.20 -10.56
C ALA A 181 1.77 4.62 -10.57
N LEU A 182 1.21 4.94 -9.39
CA LEU A 182 -0.23 5.28 -9.28
C LEU A 182 -0.44 6.75 -8.86
N SER A 183 0.63 7.55 -8.76
CA SER A 183 0.63 8.94 -8.30
C SER A 183 -0.04 9.10 -6.91
N ILE A 184 0.29 8.20 -5.98
CA ILE A 184 -0.23 8.20 -4.60
C ILE A 184 0.82 8.85 -3.72
N ALA A 185 0.45 9.89 -2.96
CA ALA A 185 1.34 10.45 -1.96
C ALA A 185 1.06 9.79 -0.60
N LEU A 186 2.07 9.19 0.01
CA LEU A 186 1.83 8.50 1.31
C LEU A 186 2.91 8.82 2.35
N GLN A 187 2.48 8.80 3.62
CA GLN A 187 3.35 9.04 4.75
C GLN A 187 3.38 7.75 5.60
N VAL A 188 4.59 7.24 5.85
CA VAL A 188 4.81 6.09 6.75
C VAL A 188 5.35 6.61 8.09
N GLU A 189 4.64 6.27 9.18
CA GLU A 189 5.08 6.51 10.60
C GLU A 189 5.83 5.25 11.08
N TYR A 190 6.97 5.44 11.75
CA TYR A 190 7.85 4.30 12.24
C TYR A 190 7.76 4.20 13.76
N VAL A 191 7.41 3.00 14.26
CA VAL A 191 7.39 2.70 15.69
C VAL A 191 8.19 1.40 15.93
N ASP A 192 9.44 1.56 16.40
CA ASP A 192 10.32 0.43 16.78
C ASP A 192 10.61 0.51 18.29
N GLU A 193 11.38 -0.46 18.81
CA GLU A 193 11.58 -0.53 20.29
C GLU A 193 12.94 0.08 20.70
N MET A 194 13.44 1.05 19.93
CA MET A 194 14.64 1.77 20.28
C MET A 194 14.24 3.09 20.97
N ASP A 195 15.09 3.62 21.85
CA ASP A 195 14.74 4.80 22.66
C ASP A 195 15.04 6.06 21.83
N THR A 196 14.26 6.25 20.77
CA THR A 196 14.48 7.24 19.70
C THR A 196 13.17 8.02 19.47
N ALA A 197 13.21 9.06 18.63
CA ALA A 197 11.99 9.81 18.30
C ALA A 197 11.05 9.00 17.40
N LEU A 198 9.74 9.14 17.65
CA LEU A 198 8.70 8.77 16.67
C LEU A 198 8.93 9.63 15.44
N ASN A 199 9.05 8.99 14.28
CA ASN A 199 9.49 9.70 13.06
C ASN A 199 8.70 9.18 11.85
N HIS A 200 8.72 9.95 10.74
CA HIS A 200 8.00 9.52 9.52
C HIS A 200 8.81 9.87 8.26
N HIS A 201 8.42 9.23 7.14
CA HIS A 201 8.95 9.52 5.78
C HIS A 201 7.79 9.68 4.81
N VAL A 202 7.87 10.67 3.90
CA VAL A 202 6.83 10.91 2.90
C VAL A 202 7.36 10.50 1.52
N PHE A 203 6.52 9.79 0.77
CA PHE A 203 6.81 9.27 -0.56
C PHE A 203 5.81 9.86 -1.57
N PRO A 204 6.23 10.67 -2.55
CA PRO A 204 7.51 11.37 -2.65
C PRO A 204 7.69 12.55 -1.68
N GLU A 205 8.93 13.05 -1.61
CA GLU A 205 9.44 13.85 -0.47
C GLU A 205 8.61 15.13 -0.21
N ALA A 206 8.16 15.81 -1.26
CA ALA A 206 7.63 17.15 -0.99
C ALA A 206 6.10 17.16 -0.88
N ALA A 207 5.44 16.01 -0.86
CA ALA A 207 3.99 15.93 -1.21
C ALA A 207 3.09 16.07 0.03
N THR A 208 1.81 16.37 -0.21
CA THR A 208 0.73 16.31 0.79
C THR A 208 0.14 14.89 0.76
N PRO A 209 0.23 14.09 1.84
CA PRO A 209 -0.25 12.71 1.75
C PRO A 209 -1.77 12.52 1.65
N SER A 210 -2.19 11.52 0.87
CA SER A 210 -3.56 10.92 0.79
C SER A 210 -3.76 9.86 1.88
N VAL A 211 -2.67 9.14 2.16
CA VAL A 211 -2.64 7.90 2.93
C VAL A 211 -1.59 8.02 4.03
N TYR A 212 -1.95 7.61 5.26
CA TYR A 212 -1.00 7.44 6.36
C TYR A 212 -0.95 5.96 6.76
N LEU A 213 0.26 5.39 6.87
CA LEU A 213 0.46 4.01 7.35
C LEU A 213 1.39 4.02 8.57
N LEU A 214 1.14 3.06 9.48
CA LEU A 214 2.03 2.78 10.62
C LEU A 214 2.82 1.51 10.31
N TYR A 215 4.14 1.60 10.35
CA TYR A 215 5.03 0.45 10.26
C TYR A 215 5.56 0.09 11.65
N LYS A 216 5.11 -1.08 12.16
CA LYS A 216 5.37 -1.54 13.51
C LYS A 216 5.40 -3.07 13.50
N THR A 217 6.43 -3.68 14.11
CA THR A 217 6.60 -5.15 14.13
C THR A 217 6.30 -5.73 12.73
N SER A 218 6.86 -5.10 11.70
CA SER A 218 6.89 -5.57 10.26
C SER A 218 5.52 -5.52 9.57
N HIS A 219 4.47 -5.03 10.23
CA HIS A 219 3.18 -4.83 9.65
C HIS A 219 3.03 -3.37 9.22
N TYR A 220 2.23 -3.15 8.18
CA TYR A 220 1.71 -1.86 7.82
C TYR A 220 0.24 -1.82 8.23
N ASN A 221 -0.10 -0.92 9.15
CA ASN A 221 -1.47 -0.68 9.57
C ASN A 221 -1.88 0.70 9.04
N ILE A 222 -3.19 0.94 8.94
CA ILE A 222 -3.73 2.17 8.31
C ILE A 222 -4.09 3.17 9.42
N LEU A 223 -3.63 4.41 9.26
CA LEU A 223 -3.91 5.48 10.26
C LEU A 223 -4.88 6.50 9.67
N TYR A 224 -5.63 7.15 10.59
CA TYR A 224 -6.61 8.21 10.26
C TYR A 224 -6.30 9.43 11.13
N ALA A 225 -6.16 10.58 10.46
CA ALA A 225 -5.76 11.85 11.10
C ALA A 225 -6.98 12.46 11.82
#